data_1XJV
#
_entry.id   1XJV
#
_cell.length_a   102.026
_cell.length_b   103.243
_cell.length_c   71.664
_cell.angle_alpha   90.00
_cell.angle_beta   90.00
_cell.angle_gamma   90.00
#
_symmetry.space_group_name_H-M   'C 2 2 21'
#
loop_
_entity.id
_entity.type
_entity.pdbx_description
1 polymer 'hT10 d(TTAGGGTTAG)'
2 polymer 'Protection of telomeres 1'
3 water water
#
loop_
_entity_poly.entity_id
_entity_poly.type
_entity_poly.pdbx_seq_one_letter_code
_entity_poly.pdbx_strand_id
1 'polydeoxyribonucleotide' (DT)(DT)(DA)(DG)(DG)(DG)(DT)(DT)(DA)(DG) B
2 'polypeptide(L)'
;ATNYIYTPLNQLKGGTIVNVYGVVKFFKPPYLSKGTDYCSVVTIVDQTNVKLTCLLFSGNYEALPIIYKNGDIVRFHRLK
IQVYKKETQGITSSGFASLTFEGTLGAPIIPRTSSKYFNFTTEDHKMVEALRVWASTHMSPSWTLLKLCDVQPMQYFDLT
CQLLGKAEVDGASFLLKVWDGTRTPFPSWRVLIQDLVLEGDLSHIHRLQNLTIDILVYDNHVHVARSLKVGSFLRIYSLH
TKLQSMNSENQTMLSLEFHLHGGTSYGRGIRVLPESNSDVDQLKKDLESANLTA
;
A
#
loop_
_chem_comp.id
_chem_comp.type
_chem_comp.name
_chem_comp.formula
DA DNA linking 2'-DEOXYADENOSINE-5'-MONOPHOSPHATE 'C10 H14 N5 O6 P'
DG DNA linking 2'-DEOXYGUANOSINE-5'-MONOPHOSPHATE 'C10 H14 N5 O7 P'
DT DNA linking THYMIDINE-5'-MONOPHOSPHATE 'C10 H15 N2 O8 P'
#
# COMPACT_ATOMS: atom_id res chain seq x y z
N ALA B 1 -32.99 17.71 -0.99
CA ALA B 1 -32.68 17.28 -2.40
C ALA B 1 -31.20 16.97 -2.58
N THR B 2 -30.87 15.67 -2.61
CA THR B 2 -29.49 15.22 -2.76
C THR B 2 -29.15 14.75 -4.18
N ASN B 3 -28.43 15.59 -4.93
CA ASN B 3 -28.01 15.25 -6.28
C ASN B 3 -26.53 15.59 -6.45
N TYR B 4 -25.70 14.56 -6.59
CA TYR B 4 -24.26 14.76 -6.75
C TYR B 4 -23.84 14.80 -8.21
N ILE B 5 -23.06 15.83 -8.55
CA ILE B 5 -22.55 15.98 -9.90
C ILE B 5 -21.07 15.65 -9.94
N TYR B 6 -20.69 14.73 -10.82
CA TYR B 6 -19.31 14.32 -10.98
C TYR B 6 -18.72 14.98 -12.21
N THR B 7 -17.59 15.65 -12.04
CA THR B 7 -16.92 16.36 -13.12
C THR B 7 -15.84 15.57 -13.82
N PRO B 8 -15.93 15.42 -15.16
CA PRO B 8 -14.94 14.69 -15.93
C PRO B 8 -13.59 15.33 -15.66
N LEU B 9 -12.54 14.51 -15.57
CA LEU B 9 -11.20 15.02 -15.27
C LEU B 9 -10.62 16.01 -16.29
N ASN B 10 -11.21 16.04 -17.47
CA ASN B 10 -10.73 16.95 -18.51
C ASN B 10 -11.53 18.26 -18.50
N GLN B 11 -12.40 18.41 -17.50
CA GLN B 11 -13.24 19.59 -17.37
C GLN B 11 -13.03 20.31 -16.05
N LEU B 12 -11.89 20.07 -15.41
CA LEU B 12 -11.59 20.68 -14.12
C LEU B 12 -10.99 22.08 -14.25
N LYS B 13 -11.49 23.00 -13.42
CA LYS B 13 -11.01 24.38 -13.42
C LYS B 13 -10.48 24.76 -12.05
N GLY B 14 -9.46 25.60 -12.02
CA GLY B 14 -8.89 26.03 -10.75
C GLY B 14 -9.88 26.89 -9.98
N GLY B 15 -9.70 26.95 -8.66
CA GLY B 15 -10.59 27.75 -7.83
C GLY B 15 -11.98 27.16 -7.66
N THR B 16 -12.08 25.83 -7.69
CA THR B 16 -13.38 25.18 -7.53
C THR B 16 -13.29 23.94 -6.64
N ILE B 17 -14.44 23.52 -6.13
CA ILE B 17 -14.53 22.32 -5.29
C ILE B 17 -15.48 21.39 -6.02
N VAL B 18 -15.01 20.19 -6.34
CA VAL B 18 -15.81 19.24 -7.11
C VAL B 18 -15.87 17.82 -6.55
N ASN B 19 -16.55 16.95 -7.31
CA ASN B 19 -16.71 15.54 -6.99
C ASN B 19 -16.18 14.82 -8.22
N VAL B 20 -15.38 13.77 -8.03
CA VAL B 20 -14.82 13.05 -9.16
C VAL B 20 -14.75 11.55 -8.97
N TYR B 21 -14.70 10.82 -10.08
CA TYR B 21 -14.58 9.37 -10.10
C TYR B 21 -13.34 9.07 -10.93
N GLY B 22 -12.58 8.06 -10.56
CA GLY B 22 -11.39 7.73 -11.33
C GLY B 22 -10.77 6.41 -10.92
N VAL B 23 -9.81 5.96 -11.72
CA VAL B 23 -9.07 4.73 -11.45
C VAL B 23 -7.71 5.19 -10.93
N VAL B 24 -7.21 4.51 -9.90
CA VAL B 24 -5.92 4.85 -9.32
C VAL B 24 -4.76 4.38 -10.18
N LYS B 25 -3.98 5.32 -10.70
CA LYS B 25 -2.81 5.01 -11.52
C LYS B 25 -1.58 4.93 -10.63
N PHE B 26 -1.56 5.74 -9.58
CA PHE B 26 -0.44 5.79 -8.63
C PHE B 26 -0.94 6.32 -7.30
N PHE B 27 -0.28 5.91 -6.22
CA PHE B 27 -0.64 6.40 -4.89
C PHE B 27 0.42 6.18 -3.84
N LYS B 28 0.50 7.11 -2.92
CA LYS B 28 1.39 6.99 -1.79
C LYS B 28 0.45 6.71 -0.63
N PRO B 29 0.58 5.56 0.02
CA PRO B 29 -0.34 5.30 1.14
C PRO B 29 -0.16 6.38 2.20
N PRO B 30 -1.16 6.56 3.07
CA PRO B 30 -1.09 7.58 4.12
C PRO B 30 0.20 7.53 4.93
N TYR B 31 0.82 8.70 5.10
CA TYR B 31 2.05 8.81 5.88
C TYR B 31 2.04 10.14 6.63
N LEU B 32 2.52 10.11 7.87
CA LEU B 32 2.56 11.31 8.69
C LEU B 32 3.56 12.25 8.02
N SER B 33 3.10 13.39 7.56
CA SER B 33 3.97 14.36 6.88
C SER B 33 4.76 15.19 7.89
N LYS B 34 5.57 16.12 7.38
CA LYS B 34 6.36 16.99 8.24
C LYS B 34 5.46 18.04 8.85
N GLY B 35 4.17 17.97 8.52
CA GLY B 35 3.22 18.93 9.04
C GLY B 35 2.32 18.36 10.11
N THR B 36 1.09 18.88 10.16
CA THR B 36 0.10 18.47 11.15
C THR B 36 -0.60 17.15 10.83
N ASP B 37 -0.96 16.96 9.57
CA ASP B 37 -1.69 15.77 9.16
C ASP B 37 -0.94 14.66 8.45
N TYR B 38 -1.67 13.59 8.23
CA TYR B 38 -1.20 12.48 7.49
C TYR B 38 -1.35 12.91 6.04
N CYS B 39 -0.60 12.33 5.10
CA CYS B 39 -0.73 12.71 3.70
C CYS B 39 -0.76 11.49 2.80
N SER B 40 -1.55 11.58 1.73
CA SER B 40 -1.68 10.56 0.73
C SER B 40 -1.74 11.22 -0.62
N VAL B 41 -0.91 10.78 -1.56
CA VAL B 41 -0.90 11.36 -2.90
C VAL B 41 -1.52 10.32 -3.81
N VAL B 42 -2.52 10.72 -4.59
CA VAL B 42 -3.21 9.82 -5.48
C VAL B 42 -3.37 10.40 -6.86
N THR B 43 -2.92 9.68 -7.87
CA THR B 43 -3.07 10.15 -9.24
C THR B 43 -4.17 9.29 -9.86
N ILE B 44 -5.25 9.93 -10.32
CA ILE B 44 -6.34 9.19 -10.92
C ILE B 44 -6.51 9.55 -12.39
N VAL B 45 -7.23 8.70 -13.10
CA VAL B 45 -7.51 8.90 -14.52
C VAL B 45 -8.89 8.35 -14.79
N ASP B 46 -9.56 8.85 -15.83
CA ASP B 46 -10.88 8.36 -16.17
C ASP B 46 -11.00 8.21 -17.68
N GLN B 47 -12.23 8.06 -18.18
CA GLN B 47 -12.47 7.88 -19.60
C GLN B 47 -11.90 8.96 -20.52
N THR B 48 -11.72 10.18 -20.01
CA THR B 48 -11.18 11.26 -20.81
C THR B 48 -9.68 11.05 -20.96
N ASN B 49 -9.18 10.08 -20.20
CA ASN B 49 -7.77 9.71 -20.19
C ASN B 49 -6.87 10.81 -19.65
N VAL B 50 -7.46 11.78 -18.96
CA VAL B 50 -6.67 12.87 -18.39
C VAL B 50 -6.32 12.48 -16.95
N LYS B 51 -5.05 12.65 -16.58
CA LYS B 51 -4.60 12.31 -15.24
C LYS B 51 -4.70 13.49 -14.30
N LEU B 52 -5.06 13.23 -13.04
CA LEU B 52 -5.15 14.29 -12.04
C LEU B 52 -4.44 13.83 -10.78
N THR B 53 -3.46 14.61 -10.34
CA THR B 53 -2.73 14.27 -9.14
C THR B 53 -3.38 14.98 -7.96
N CYS B 54 -3.78 14.19 -6.96
CA CYS B 54 -4.46 14.72 -5.77
C CYS B 54 -3.60 14.64 -4.51
N LEU B 55 -3.51 15.76 -3.80
CA LEU B 55 -2.75 15.85 -2.56
C LEU B 55 -3.77 15.88 -1.44
N LEU B 56 -3.85 14.78 -0.69
CA LEU B 56 -4.85 14.66 0.36
C LEU B 56 -4.28 14.67 1.77
N PHE B 57 -4.80 15.59 2.60
CA PHE B 57 -4.33 15.72 3.98
C PHE B 57 -5.43 15.51 5.01
N SER B 58 -5.10 14.87 6.11
CA SER B 58 -6.07 14.62 7.17
C SER B 58 -5.41 14.31 8.50
N GLY B 59 -6.03 14.78 9.58
CA GLY B 59 -5.50 14.52 10.91
C GLY B 59 -5.70 13.06 11.27
N ASN B 60 -6.69 12.42 10.63
CA ASN B 60 -6.96 11.02 10.89
C ASN B 60 -6.57 10.14 9.71
N TYR B 61 -5.73 9.16 9.99
CA TYR B 61 -5.23 8.21 8.99
C TYR B 61 -6.33 7.59 8.13
N GLU B 62 -7.40 7.12 8.76
CA GLU B 62 -8.49 6.45 8.05
C GLU B 62 -9.39 7.34 7.20
N ALA B 63 -9.30 8.65 7.40
CA ALA B 63 -10.12 9.59 6.62
C ALA B 63 -9.60 9.67 5.19
N LEU B 64 -8.37 9.23 4.97
CA LEU B 64 -7.79 9.28 3.64
C LEU B 64 -8.27 8.06 2.84
N PRO B 65 -8.21 8.13 1.50
CA PRO B 65 -8.67 7.00 0.68
C PRO B 65 -8.08 5.66 1.08
N ILE B 66 -8.96 4.67 1.20
CA ILE B 66 -8.54 3.33 1.58
C ILE B 66 -8.21 2.56 0.31
N ILE B 67 -7.05 2.89 -0.24
CA ILE B 67 -6.53 2.29 -1.49
C ILE B 67 -5.52 1.19 -1.18
N TYR B 68 -5.72 0.01 -1.75
CA TYR B 68 -4.80 -1.11 -1.51
C TYR B 68 -3.88 -1.41 -2.69
N LYS B 69 -4.27 -0.99 -3.89
CA LYS B 69 -3.42 -1.25 -5.05
C LYS B 69 -3.82 -0.41 -6.26
N ASN B 70 -2.88 -0.23 -7.19
CA ASN B 70 -3.17 0.52 -8.41
C ASN B 70 -4.32 -0.23 -9.07
N GLY B 71 -5.18 0.50 -9.76
CA GLY B 71 -6.31 -0.14 -10.40
C GLY B 71 -7.58 0.04 -9.60
N ASP B 72 -7.44 0.29 -8.29
CA ASP B 72 -8.62 0.50 -7.45
C ASP B 72 -9.37 1.69 -8.03
N ILE B 73 -10.65 1.77 -7.80
CA ILE B 73 -11.47 2.88 -8.26
C ILE B 73 -11.88 3.73 -7.07
N VAL B 74 -11.81 5.05 -7.23
CA VAL B 74 -12.18 5.95 -6.14
C VAL B 74 -13.25 6.96 -6.52
N ARG B 75 -13.97 7.40 -5.54
CA ARG B 75 -14.95 8.44 -5.67
C ARG B 75 -14.56 9.48 -4.67
N PHE B 76 -14.32 10.69 -5.13
CA PHE B 76 -13.89 11.78 -4.24
C PHE B 76 -14.97 12.85 -4.16
N HIS B 77 -15.34 13.22 -2.94
CA HIS B 77 -16.29 14.26 -2.70
C HIS B 77 -15.58 15.41 -2.04
N ARG B 78 -15.92 16.63 -2.43
CA ARG B 78 -15.29 17.83 -1.88
C ARG B 78 -13.80 17.87 -2.12
N LEU B 79 -13.43 17.80 -3.39
CA LEU B 79 -12.03 17.85 -3.79
C LEU B 79 -11.84 19.25 -4.37
N LYS B 80 -10.89 20.00 -3.83
CA LYS B 80 -10.63 21.33 -4.34
C LYS B 80 -9.66 21.25 -5.52
N ILE B 81 -9.92 22.04 -6.55
CA ILE B 81 -9.05 22.07 -7.73
C ILE B 81 -8.29 23.40 -7.72
N GLN B 82 -6.97 23.32 -7.83
CA GLN B 82 -6.15 24.53 -7.83
C GLN B 82 -4.98 24.34 -8.79
N VAL B 83 -4.29 25.43 -9.08
CA VAL B 83 -3.15 25.37 -9.98
C VAL B 83 -1.85 25.57 -9.21
N TYR B 84 -0.86 24.74 -9.51
CA TYR B 84 0.46 24.80 -8.88
C TYR B 84 1.50 24.64 -9.97
N LYS B 85 2.20 25.72 -10.29
CA LYS B 85 3.21 25.71 -11.34
C LYS B 85 2.56 25.40 -12.68
N LYS B 86 1.50 26.15 -12.99
CA LYS B 86 0.76 25.99 -14.24
C LYS B 86 0.10 24.61 -14.30
N GLU B 87 0.34 23.79 -13.29
CA GLU B 87 -0.25 22.45 -13.25
C GLU B 87 -1.46 22.37 -12.32
N THR B 88 -2.58 21.93 -12.87
CA THR B 88 -3.79 21.78 -12.07
C THR B 88 -3.58 20.59 -11.14
N GLN B 89 -4.01 20.72 -9.89
CA GLN B 89 -3.84 19.65 -8.93
C GLN B 89 -5.01 19.61 -7.95
N GLY B 90 -5.36 18.41 -7.50
CA GLY B 90 -6.45 18.26 -6.56
C GLY B 90 -5.93 18.26 -5.15
N ILE B 91 -6.69 18.84 -4.23
CA ILE B 91 -6.28 18.87 -2.84
C ILE B 91 -7.52 18.72 -1.96
N THR B 92 -7.33 18.20 -0.75
CA THR B 92 -8.44 18.01 0.17
C THR B 92 -9.08 19.34 0.55
N SER B 93 -10.41 19.34 0.66
CA SER B 93 -11.16 20.53 1.05
C SER B 93 -11.93 20.09 2.30
N SER B 94 -12.48 21.04 3.05
CA SER B 94 -13.23 20.67 4.24
C SER B 94 -14.32 19.68 3.88
N GLY B 95 -14.49 18.66 4.71
CA GLY B 95 -15.52 17.67 4.43
C GLY B 95 -15.15 16.63 3.38
N PHE B 96 -13.90 16.65 2.91
CA PHE B 96 -13.46 15.69 1.89
C PHE B 96 -13.87 14.29 2.31
N ALA B 97 -14.37 13.51 1.35
CA ALA B 97 -14.77 12.13 1.64
C ALA B 97 -14.50 11.26 0.42
N SER B 98 -14.12 10.00 0.65
CA SER B 98 -13.84 9.13 -0.48
C SER B 98 -14.39 7.71 -0.29
N LEU B 99 -14.68 7.08 -1.40
CA LEU B 99 -15.13 5.68 -1.42
C LEU B 99 -14.16 4.96 -2.32
N THR B 100 -13.66 3.80 -1.92
CA THR B 100 -12.74 3.06 -2.77
C THR B 100 -13.34 1.70 -3.07
N PHE B 101 -13.10 1.21 -4.29
CA PHE B 101 -13.64 -0.08 -4.74
C PHE B 101 -12.58 -0.87 -5.49
N GLU B 102 -12.82 -2.18 -5.62
CA GLU B 102 -11.94 -3.04 -6.41
C GLU B 102 -12.10 -2.59 -7.86
N GLY B 103 -11.03 -2.61 -8.64
CA GLY B 103 -11.13 -2.14 -10.02
C GLY B 103 -11.26 -3.17 -11.14
N THR B 104 -11.31 -4.45 -10.78
CA THR B 104 -11.41 -5.53 -11.75
C THR B 104 -12.85 -5.91 -12.11
N LEU B 105 -13.09 -6.19 -13.38
CA LEU B 105 -14.42 -6.56 -13.87
C LEU B 105 -15.04 -7.75 -13.14
N GLY B 106 -16.31 -7.61 -12.77
CA GLY B 106 -17.01 -8.70 -12.09
C GLY B 106 -16.75 -8.81 -10.61
N ALA B 107 -15.83 -8.00 -10.09
CA ALA B 107 -15.51 -8.03 -8.67
C ALA B 107 -16.64 -7.43 -7.85
N PRO B 108 -16.77 -7.85 -6.58
CA PRO B 108 -17.84 -7.29 -5.75
C PRO B 108 -17.67 -5.78 -5.71
N ILE B 109 -18.77 -5.06 -5.59
CA ILE B 109 -18.71 -3.61 -5.49
C ILE B 109 -19.05 -3.29 -4.04
N ILE B 110 -18.00 -3.15 -3.24
CA ILE B 110 -18.14 -2.87 -1.81
C ILE B 110 -17.35 -1.61 -1.48
N PRO B 111 -18.05 -0.48 -1.28
CA PRO B 111 -17.37 0.77 -0.96
C PRO B 111 -16.61 0.72 0.36
N ARG B 112 -15.34 1.13 0.32
CA ARG B 112 -14.50 1.15 1.52
C ARG B 112 -14.33 2.62 1.90
N THR B 113 -14.61 2.95 3.15
CA THR B 113 -14.49 4.33 3.60
C THR B 113 -14.60 4.36 5.11
N SER B 114 -14.09 5.42 5.72
CA SER B 114 -14.16 5.55 7.16
C SER B 114 -15.38 6.39 7.55
N SER B 115 -16.04 6.98 6.56
CA SER B 115 -17.23 7.80 6.80
C SER B 115 -18.37 6.97 7.38
N LYS B 116 -19.02 7.49 8.42
CA LYS B 116 -20.12 6.77 9.03
C LYS B 116 -21.36 6.92 8.15
N TYR B 117 -21.53 8.11 7.59
CA TYR B 117 -22.67 8.40 6.70
C TYR B 117 -22.17 8.77 5.31
N PHE B 118 -22.73 8.16 4.28
CA PHE B 118 -22.33 8.48 2.92
C PHE B 118 -23.36 8.12 1.87
N ASN B 119 -23.44 8.95 0.84
CA ASN B 119 -24.37 8.75 -0.25
C ASN B 119 -23.85 7.61 -1.13
N PHE B 120 -24.74 6.69 -1.49
CA PHE B 120 -24.37 5.56 -2.33
C PHE B 120 -25.61 5.15 -3.11
N THR B 121 -25.61 5.40 -4.42
CA THR B 121 -26.76 5.09 -5.26
C THR B 121 -26.48 4.14 -6.43
N THR B 122 -27.52 3.91 -7.22
CA THR B 122 -27.43 3.05 -8.40
C THR B 122 -26.48 3.73 -9.38
N GLU B 123 -26.47 5.06 -9.36
CA GLU B 123 -25.61 5.83 -10.24
C GLU B 123 -24.15 5.54 -9.94
N ASP B 124 -23.83 5.31 -8.67
CA ASP B 124 -22.46 5.00 -8.27
C ASP B 124 -22.06 3.63 -8.82
N HIS B 125 -23.00 2.68 -8.78
CA HIS B 125 -22.74 1.34 -9.30
C HIS B 125 -22.38 1.45 -10.78
N LYS B 126 -23.17 2.20 -11.52
CA LYS B 126 -22.95 2.37 -12.95
C LYS B 126 -21.61 3.04 -13.21
N MET B 127 -21.29 4.06 -12.42
CA MET B 127 -20.03 4.79 -12.57
C MET B 127 -18.82 3.87 -12.37
N VAL B 128 -18.90 3.03 -11.32
CA VAL B 128 -17.82 2.10 -11.03
C VAL B 128 -17.66 1.08 -12.16
N GLU B 129 -18.77 0.47 -12.55
CA GLU B 129 -18.73 -0.53 -13.62
C GLU B 129 -18.18 0.07 -14.91
N ALA B 130 -18.54 1.33 -15.20
CA ALA B 130 -18.06 2.01 -16.40
C ALA B 130 -16.54 2.21 -16.37
N LEU B 131 -15.99 2.49 -15.19
CA LEU B 131 -14.54 2.67 -15.07
C LEU B 131 -13.81 1.34 -15.17
N ARG B 132 -14.44 0.28 -14.67
CA ARG B 132 -13.82 -1.04 -14.74
C ARG B 132 -13.76 -1.49 -16.19
N VAL B 133 -14.80 -1.20 -16.95
CA VAL B 133 -14.83 -1.57 -18.36
C VAL B 133 -13.74 -0.82 -19.11
N TRP B 134 -13.61 0.47 -18.84
CA TRP B 134 -12.59 1.29 -19.50
C TRP B 134 -11.19 0.82 -19.13
N ALA B 135 -10.98 0.58 -17.85
CA ALA B 135 -9.68 0.14 -17.34
C ALA B 135 -9.23 -1.23 -17.85
N SER B 136 -10.17 -2.15 -18.02
CA SER B 136 -9.87 -3.50 -18.48
C SER B 136 -9.08 -3.42 -19.80
N THR B 137 -9.31 -2.32 -20.52
CA THR B 137 -8.64 -2.08 -21.77
C THR B 137 -7.81 -0.76 -21.81
N HIS B 138 -8.20 0.37 -21.22
CA HIS B 138 -7.27 1.52 -21.39
C HIS B 138 -6.23 1.59 -20.30
N MET B 139 -5.93 0.44 -19.65
CA MET B 139 -4.91 0.58 -18.62
C MET B 139 -4.63 -0.59 -17.68
N SER B 140 -4.16 -1.74 -18.13
CA SER B 140 -3.77 -2.74 -17.13
C SER B 140 -4.76 -3.90 -16.94
N THR B 144 -2.42 -10.32 -10.06
CA THR B 144 -1.02 -9.95 -10.15
C THR B 144 -0.48 -9.64 -8.75
N LEU B 145 0.07 -10.66 -8.10
CA LEU B 145 0.62 -10.54 -6.74
C LEU B 145 1.88 -11.42 -6.68
N LEU B 146 3.04 -10.79 -6.56
CA LEU B 146 4.32 -11.51 -6.55
C LEU B 146 4.64 -12.24 -5.24
N LYS B 147 4.92 -13.53 -5.33
CA LYS B 147 5.27 -14.33 -4.15
C LYS B 147 6.80 -14.24 -3.91
N LEU B 148 7.23 -14.46 -2.67
CA LEU B 148 8.65 -14.36 -2.37
C LEU B 148 9.49 -15.30 -3.19
N CYS B 149 8.96 -16.47 -3.51
CA CYS B 149 9.73 -17.42 -4.31
C CYS B 149 10.04 -16.92 -5.72
N ASP B 150 9.35 -15.86 -6.14
CA ASP B 150 9.56 -15.33 -7.48
C ASP B 150 10.29 -14.00 -7.58
N VAL B 151 10.72 -13.43 -6.44
CA VAL B 151 11.43 -12.16 -6.49
C VAL B 151 12.77 -12.32 -7.22
N GLN B 152 13.19 -11.24 -7.88
CA GLN B 152 14.45 -11.23 -8.61
C GLN B 152 15.52 -10.53 -7.77
N PRO B 153 16.81 -10.77 -8.07
CA PRO B 153 17.99 -10.21 -7.39
C PRO B 153 17.94 -8.73 -7.02
N MET B 154 17.46 -7.89 -7.93
CA MET B 154 17.38 -6.47 -7.62
C MET B 154 16.17 -5.85 -8.28
N GLN B 155 15.12 -5.64 -7.50
CA GLN B 155 13.90 -5.04 -8.03
C GLN B 155 13.10 -4.46 -6.90
N TYR B 156 12.10 -3.67 -7.28
CA TYR B 156 11.16 -3.07 -6.33
C TYR B 156 9.85 -3.82 -6.55
N PHE B 157 9.14 -4.10 -5.48
CA PHE B 157 7.87 -4.79 -5.63
C PHE B 157 7.02 -4.58 -4.41
N ASP B 158 5.73 -4.88 -4.51
CA ASP B 158 4.82 -4.76 -3.38
C ASP B 158 4.63 -6.14 -2.78
N LEU B 159 4.94 -6.28 -1.50
CA LEU B 159 4.82 -7.56 -0.84
C LEU B 159 3.64 -7.68 0.10
N THR B 160 2.76 -8.64 -0.19
CA THR B 160 1.64 -8.97 0.69
C THR B 160 2.19 -10.05 1.60
N CYS B 161 2.11 -9.85 2.90
CA CYS B 161 2.68 -10.84 3.80
C CYS B 161 2.05 -10.79 5.18
N GLN B 162 2.52 -11.64 6.08
CA GLN B 162 2.07 -11.61 7.46
C GLN B 162 3.28 -11.26 8.30
N LEU B 163 3.08 -10.39 9.29
CA LEU B 163 4.17 -9.97 10.18
C LEU B 163 4.33 -10.97 11.30
N LEU B 164 5.53 -11.51 11.46
CA LEU B 164 5.80 -12.49 12.50
C LEU B 164 6.64 -11.94 13.65
N GLY B 165 7.53 -11.00 13.36
CA GLY B 165 8.37 -10.46 14.42
C GLY B 165 8.81 -9.02 14.19
N LYS B 166 9.10 -8.32 15.29
CA LYS B 166 9.55 -6.94 15.22
C LYS B 166 10.82 -6.81 16.06
N ALA B 167 11.75 -5.95 15.63
CA ALA B 167 12.97 -5.77 16.41
C ALA B 167 13.64 -4.43 16.17
N GLU B 168 13.87 -3.69 17.25
CA GLU B 168 14.56 -2.42 17.15
C GLU B 168 15.96 -2.77 16.67
N VAL B 169 16.63 -1.83 16.01
CA VAL B 169 17.97 -2.07 15.50
C VAL B 169 18.94 -0.98 15.95
N ASP B 170 18.75 0.23 15.46
CA ASP B 170 19.63 1.34 15.81
C ASP B 170 18.92 2.68 15.69
N GLY B 171 17.61 2.67 15.90
CA GLY B 171 16.83 3.89 15.82
C GLY B 171 16.59 4.42 14.43
N ALA B 172 17.63 4.42 13.60
CA ALA B 172 17.52 4.90 12.22
C ALA B 172 16.89 3.83 11.33
N SER B 173 16.86 2.59 11.83
CA SER B 173 16.28 1.49 11.08
C SER B 173 15.57 0.54 12.04
N PHE B 174 14.65 -0.27 11.50
CA PHE B 174 13.87 -1.18 12.31
C PHE B 174 13.64 -2.48 11.54
N LEU B 175 13.66 -3.61 12.24
CA LEU B 175 13.48 -4.91 11.58
C LEU B 175 12.08 -5.52 11.65
N LEU B 176 11.56 -5.93 10.49
CA LEU B 176 10.27 -6.60 10.39
C LEU B 176 10.55 -7.99 9.83
N LYS B 177 10.10 -9.03 10.53
CA LYS B 177 10.30 -10.39 10.05
C LYS B 177 8.92 -10.79 9.52
N VAL B 178 8.85 -11.11 8.23
CA VAL B 178 7.58 -11.46 7.62
C VAL B 178 7.69 -12.73 6.77
N TRP B 179 6.54 -13.17 6.26
CA TRP B 179 6.54 -14.34 5.40
C TRP B 179 5.27 -14.35 4.57
N ASP B 180 5.26 -15.15 3.50
CA ASP B 180 4.08 -15.27 2.64
C ASP B 180 3.79 -16.74 2.28
N GLY B 181 4.54 -17.66 2.87
CA GLY B 181 4.30 -19.07 2.61
C GLY B 181 5.21 -19.69 1.56
N THR B 182 6.07 -18.87 0.96
CA THR B 182 7.01 -19.36 -0.05
C THR B 182 8.44 -18.96 0.29
N ARG B 183 9.42 -19.68 -0.27
CA ARG B 183 10.83 -19.38 0.02
C ARG B 183 11.52 -18.62 -1.10
N THR B 184 12.31 -17.61 -0.72
CA THR B 184 13.05 -16.82 -1.68
C THR B 184 14.07 -17.73 -2.39
N PRO B 185 14.54 -17.35 -3.59
CA PRO B 185 15.51 -18.15 -4.34
C PRO B 185 16.90 -18.24 -3.67
N PHE B 186 17.24 -17.23 -2.88
CA PHE B 186 18.49 -17.18 -2.10
C PHE B 186 18.05 -16.92 -0.66
N PRO B 187 18.83 -17.38 0.33
CA PRO B 187 18.43 -17.14 1.72
C PRO B 187 18.38 -15.65 2.03
N SER B 188 17.41 -15.27 2.85
CA SER B 188 17.29 -13.87 3.26
C SER B 188 18.51 -13.50 4.09
N TRP B 189 18.92 -12.24 4.03
CA TRP B 189 20.01 -11.79 4.88
C TRP B 189 19.40 -11.81 6.29
N ARG B 190 20.24 -11.73 7.31
CA ARG B 190 19.76 -11.72 8.69
C ARG B 190 20.46 -10.56 9.41
N VAL B 191 19.69 -9.55 9.79
CA VAL B 191 20.21 -8.35 10.50
C VAL B 191 20.69 -8.71 11.92
N LEU B 192 21.87 -8.27 12.42
CA LEU B 192 22.16 -8.74 13.79
C LEU B 192 21.23 -8.08 14.77
N ILE B 193 20.54 -8.97 15.49
CA ILE B 193 19.54 -8.63 16.50
C ILE B 193 20.15 -8.78 17.88
N GLN B 194 19.46 -8.34 18.93
CA GLN B 194 20.03 -8.45 20.28
C GLN B 194 19.34 -9.56 21.02
N ASP B 195 19.48 -9.66 22.35
CA ASP B 195 18.85 -10.80 22.98
C ASP B 195 17.36 -10.72 23.25
N LEU B 196 16.85 -9.59 23.65
CA LEU B 196 15.47 -9.58 24.14
C LEU B 196 14.51 -8.65 23.35
N VAL B 197 15.15 -8.09 22.33
CA VAL B 197 14.67 -7.13 21.35
C VAL B 197 13.57 -7.61 20.40
N LEU B 198 13.74 -8.82 19.85
CA LEU B 198 12.74 -9.35 18.92
C LEU B 198 11.43 -9.76 19.59
N GLU B 199 10.32 -9.17 19.15
CA GLU B 199 9.02 -9.52 19.69
C GLU B 199 8.26 -10.37 18.69
N GLY B 200 7.58 -11.39 19.19
CA GLY B 200 6.81 -12.29 18.36
C GLY B 200 7.03 -13.72 18.81
N ASP B 201 6.39 -14.68 18.15
CA ASP B 201 6.54 -16.08 18.53
C ASP B 201 7.90 -16.59 18.04
N LEU B 202 8.90 -16.47 18.89
CA LEU B 202 10.26 -16.88 18.55
C LEU B 202 10.39 -18.32 18.07
N SER B 203 9.68 -19.25 18.72
CA SER B 203 9.75 -20.65 18.33
C SER B 203 9.11 -20.88 16.96
N HIS B 204 8.02 -20.16 16.67
CA HIS B 204 7.37 -20.30 15.37
C HIS B 204 8.38 -19.81 14.33
N ILE B 205 8.93 -18.62 14.57
CA ILE B 205 9.90 -18.05 13.64
C ILE B 205 11.07 -19.00 13.40
N HIS B 206 11.60 -19.58 14.48
CA HIS B 206 12.72 -20.51 14.36
C HIS B 206 12.38 -21.74 13.52
N ARG B 207 11.19 -22.31 13.74
CA ARG B 207 10.77 -23.49 12.98
C ARG B 207 10.57 -23.19 11.50
N LEU B 208 10.15 -21.97 11.18
CA LEU B 208 9.92 -21.58 9.80
C LEU B 208 11.20 -21.46 8.96
N GLN B 209 12.34 -21.34 9.64
CA GLN B 209 13.62 -21.22 8.96
C GLN B 209 13.58 -20.15 7.89
N ASN B 210 14.02 -20.51 6.68
CA ASN B 210 14.08 -19.52 5.62
C ASN B 210 12.77 -19.17 4.96
N LEU B 211 11.67 -19.62 5.57
CA LEU B 211 10.35 -19.24 5.07
C LEU B 211 10.15 -17.76 5.46
N THR B 212 10.85 -17.30 6.50
CA THR B 212 10.71 -15.88 6.89
C THR B 212 11.84 -15.08 6.27
N ILE B 213 11.62 -13.78 6.08
CA ILE B 213 12.66 -12.91 5.58
C ILE B 213 12.78 -11.73 6.53
N ASP B 214 13.95 -11.10 6.49
CA ASP B 214 14.23 -9.92 7.31
C ASP B 214 14.07 -8.70 6.41
N ILE B 215 13.25 -7.75 6.85
CA ILE B 215 13.07 -6.52 6.11
C ILE B 215 13.56 -5.40 7.02
N LEU B 216 14.43 -4.55 6.49
CA LEU B 216 14.92 -3.43 7.27
C LEU B 216 14.25 -2.20 6.69
N VAL B 217 13.56 -1.44 7.53
CA VAL B 217 12.89 -0.22 7.09
C VAL B 217 13.68 0.95 7.69
N TYR B 218 13.73 2.08 6.98
CA TYR B 218 14.53 3.21 7.47
C TYR B 218 13.78 4.54 7.63
N ASP B 219 14.41 5.40 8.42
CA ASP B 219 13.92 6.75 8.63
C ASP B 219 12.46 6.88 9.02
N ASN B 220 11.68 7.56 8.18
CA ASN B 220 10.26 7.79 8.45
C ASN B 220 9.42 6.51 8.61
N HIS B 221 9.90 5.41 8.05
CA HIS B 221 9.16 4.15 8.13
C HIS B 221 9.27 3.48 9.49
N VAL B 222 10.25 3.89 10.29
CA VAL B 222 10.44 3.28 11.60
C VAL B 222 9.28 3.39 12.60
N HIS B 223 8.74 4.59 12.82
CA HIS B 223 7.66 4.69 13.79
C HIS B 223 6.42 3.91 13.35
N VAL B 224 6.23 3.77 12.03
CA VAL B 224 5.08 3.01 11.52
C VAL B 224 5.33 1.54 11.83
N ALA B 225 6.53 1.07 11.49
CA ALA B 225 6.91 -0.33 11.74
C ALA B 225 6.81 -0.63 13.22
N ARG B 226 7.26 0.32 14.04
CA ARG B 226 7.25 0.13 15.49
C ARG B 226 5.84 -0.07 16.04
N SER B 227 4.83 0.46 15.35
CA SER B 227 3.45 0.37 15.80
C SER B 227 2.67 -0.84 15.33
N LEU B 228 3.22 -1.57 14.36
CA LEU B 228 2.53 -2.73 13.82
C LEU B 228 2.30 -3.85 14.83
N LYS B 229 1.15 -4.49 14.71
CA LYS B 229 0.80 -5.59 15.59
C LYS B 229 1.28 -6.90 14.97
N VAL B 230 2.07 -7.66 15.74
CA VAL B 230 2.57 -8.95 15.28
C VAL B 230 1.37 -9.83 14.94
N GLY B 231 1.43 -10.49 13.79
CA GLY B 231 0.33 -11.35 13.38
C GLY B 231 -0.57 -10.69 12.34
N SER B 232 -0.46 -9.37 12.21
CA SER B 232 -1.30 -8.68 11.23
C SER B 232 -0.77 -8.90 9.81
N PHE B 233 -1.60 -8.58 8.83
CA PHE B 233 -1.23 -8.74 7.43
C PHE B 233 -0.88 -7.38 6.86
N LEU B 234 0.18 -7.36 6.08
CA LEU B 234 0.64 -6.09 5.52
C LEU B 234 0.90 -6.13 4.04
N ARG B 235 0.91 -4.95 3.46
CA ARG B 235 1.31 -4.78 2.10
C ARG B 235 2.42 -3.74 2.18
N ILE B 236 3.61 -4.17 1.87
CA ILE B 236 4.78 -3.32 1.89
C ILE B 236 5.07 -2.87 0.45
N TYR B 237 4.83 -1.60 0.18
CA TYR B 237 5.00 -1.06 -1.16
C TYR B 237 6.40 -0.63 -1.52
N SER B 238 6.81 -1.04 -2.72
CA SER B 238 8.12 -0.68 -3.24
C SER B 238 9.24 -1.16 -2.35
N LEU B 239 9.09 -2.40 -1.85
CA LEU B 239 10.13 -3.06 -1.09
C LEU B 239 11.24 -3.26 -2.08
N HIS B 240 12.50 -3.16 -1.64
CA HIS B 240 13.63 -3.30 -2.55
C HIS B 240 14.50 -4.49 -2.23
N THR B 241 14.74 -5.35 -3.23
CA THR B 241 15.57 -6.52 -3.02
C THR B 241 16.96 -6.20 -3.54
N LYS B 242 17.97 -6.71 -2.86
CA LYS B 242 19.32 -6.48 -3.31
C LYS B 242 20.10 -7.74 -3.01
N LEU B 243 20.74 -8.38 -3.97
CA LEU B 243 21.50 -9.57 -3.62
C LEU B 243 22.88 -9.15 -3.05
N GLN B 244 23.33 -9.79 -1.97
CA GLN B 244 24.63 -9.51 -1.36
C GLN B 244 25.67 -10.59 -1.74
N SER B 245 26.67 -10.21 -2.53
CA SER B 245 27.64 -11.23 -2.88
C SER B 245 28.96 -11.05 -2.15
N MET B 246 29.04 -10.02 -1.34
CA MET B 246 30.27 -9.73 -0.60
C MET B 246 29.87 -9.25 0.79
N ASN B 247 30.26 -9.93 1.87
CA ASN B 247 29.85 -9.47 3.20
C ASN B 247 30.77 -8.39 3.79
N SER B 248 30.45 -7.93 5.00
CA SER B 248 31.23 -6.88 5.65
C SER B 248 32.67 -7.25 5.94
N GLU B 249 32.96 -8.55 5.95
CA GLU B 249 34.32 -9.01 6.22
C GLU B 249 35.00 -9.38 4.91
N ASN B 250 34.43 -8.89 3.81
CA ASN B 250 34.99 -9.13 2.49
C ASN B 250 35.07 -10.58 2.06
N GLN B 251 34.08 -11.37 2.44
CA GLN B 251 34.04 -12.77 2.04
C GLN B 251 32.93 -12.89 0.99
N THR B 252 33.14 -13.74 0.00
CA THR B 252 32.17 -13.94 -1.04
C THR B 252 31.04 -14.84 -0.54
N MET B 253 29.81 -14.46 -0.85
CA MET B 253 28.66 -15.26 -0.43
C MET B 253 27.43 -14.82 -1.20
N LEU B 254 26.26 -15.33 -0.82
CA LEU B 254 25.02 -14.93 -1.50
C LEU B 254 23.85 -14.83 -0.54
N SER B 255 23.27 -13.63 -0.44
CA SER B 255 22.09 -13.45 0.41
C SER B 255 21.24 -12.36 -0.22
N LEU B 256 19.94 -12.45 0.01
CA LEU B 256 19.01 -11.49 -0.54
C LEU B 256 18.62 -10.51 0.57
N GLU B 257 18.89 -9.23 0.35
CA GLU B 257 18.53 -8.19 1.30
C GLU B 257 17.20 -7.59 0.88
N PHE B 258 16.43 -7.14 1.87
CA PHE B 258 15.14 -6.52 1.68
C PHE B 258 15.15 -5.20 2.38
N HIS B 259 15.03 -4.09 1.65
CA HIS B 259 15.03 -2.74 2.26
C HIS B 259 13.81 -1.92 1.89
N LEU B 260 13.29 -1.23 2.89
CA LEU B 260 12.25 -0.26 2.67
C LEU B 260 12.92 1.06 2.92
N HIS B 261 13.47 1.66 1.88
CA HIS B 261 14.24 2.91 2.01
C HIS B 261 13.46 4.13 2.46
N GLY B 262 14.17 5.06 3.10
CA GLY B 262 13.54 6.28 3.60
C GLY B 262 12.93 7.09 2.47
N GLY B 263 11.93 7.90 2.80
CA GLY B 263 11.28 8.70 1.78
C GLY B 263 9.96 8.07 1.41
N THR B 264 9.20 8.72 0.53
CA THR B 264 7.90 8.20 0.13
C THR B 264 7.79 8.10 -1.37
N SER B 265 8.90 8.32 -2.06
CA SER B 265 8.89 8.26 -3.52
C SER B 265 8.38 6.89 -3.94
N TYR B 266 7.72 6.84 -5.09
CA TYR B 266 7.17 5.61 -5.64
C TYR B 266 6.19 4.85 -4.75
N GLY B 267 5.66 5.51 -3.73
CA GLY B 267 4.70 4.85 -2.86
C GLY B 267 5.29 4.03 -1.73
N ARG B 268 6.61 4.06 -1.57
CA ARG B 268 7.26 3.32 -0.50
C ARG B 268 6.48 3.57 0.79
N GLY B 269 6.01 2.50 1.41
CA GLY B 269 5.25 2.65 2.62
C GLY B 269 4.62 1.34 3.00
N ILE B 270 3.85 1.37 4.07
CA ILE B 270 3.21 0.17 4.58
C ILE B 270 1.74 0.42 4.89
N ARG B 271 0.88 -0.49 4.46
CA ARG B 271 -0.54 -0.38 4.77
C ARG B 271 -0.98 -1.72 5.35
N VAL B 272 -1.64 -1.69 6.50
CA VAL B 272 -2.14 -2.90 7.13
C VAL B 272 -3.36 -3.37 6.35
N LEU B 273 -3.38 -4.66 6.00
CA LEU B 273 -4.49 -5.22 5.25
C LEU B 273 -5.45 -5.91 6.22
N PRO B 274 -6.72 -5.48 6.24
CA PRO B 274 -7.70 -6.08 7.13
C PRO B 274 -8.05 -7.48 6.64
N GLU B 275 -8.60 -8.30 7.52
CA GLU B 275 -8.97 -9.65 7.12
C GLU B 275 -10.17 -9.70 6.18
N SER B 276 -10.77 -8.53 5.91
CA SER B 276 -11.89 -8.46 4.98
C SER B 276 -11.33 -8.33 3.56
N ASN B 277 -10.00 -8.25 3.47
CA ASN B 277 -9.32 -8.13 2.19
C ASN B 277 -9.18 -9.50 1.52
N SER B 278 -9.64 -9.62 0.28
CA SER B 278 -9.59 -10.88 -0.45
C SER B 278 -8.19 -11.45 -0.67
N ASP B 279 -7.17 -10.59 -0.71
CA ASP B 279 -5.80 -11.09 -0.90
C ASP B 279 -5.33 -11.77 0.39
N VAL B 280 -5.87 -11.32 1.51
CA VAL B 280 -5.53 -11.92 2.79
C VAL B 280 -6.06 -13.36 2.86
N ASP B 281 -7.27 -13.59 2.33
CA ASP B 281 -7.84 -14.94 2.34
C ASP B 281 -6.93 -15.94 1.63
N GLN B 282 -6.42 -15.55 0.46
CA GLN B 282 -5.53 -16.40 -0.31
C GLN B 282 -4.22 -16.62 0.45
N LEU B 283 -3.67 -15.54 1.00
CA LEU B 283 -2.43 -15.61 1.76
C LEU B 283 -2.56 -16.60 2.92
N LYS B 284 -3.64 -16.49 3.68
CA LYS B 284 -3.85 -17.39 4.82
C LYS B 284 -3.78 -18.86 4.44
N LYS B 285 -4.28 -19.19 3.25
CA LYS B 285 -4.25 -20.58 2.78
C LYS B 285 -2.82 -21.01 2.45
N ASP B 286 -2.04 -20.10 1.86
CA ASP B 286 -0.65 -20.42 1.55
C ASP B 286 0.13 -20.57 2.85
N LEU B 287 -0.22 -19.78 3.86
CA LEU B 287 0.46 -19.88 5.14
C LEU B 287 0.12 -21.21 5.80
N GLU B 288 -1.14 -21.61 5.74
CA GLU B 288 -1.55 -22.88 6.35
C GLU B 288 -0.80 -24.05 5.71
N SER B 289 -0.72 -24.04 4.38
CA SER B 289 -0.03 -25.08 3.62
C SER B 289 1.46 -25.15 3.97
N ALA B 290 2.09 -23.98 4.06
CA ALA B 290 3.51 -23.91 4.39
C ALA B 290 3.73 -24.40 5.82
N ASN B 291 2.79 -24.05 6.70
CA ASN B 291 2.87 -24.43 8.11
C ASN B 291 2.87 -25.94 8.33
N LEU B 292 2.15 -26.68 7.49
CA LEU B 292 2.07 -28.13 7.64
C LEU B 292 3.38 -28.77 7.19
N THR B 293 3.89 -28.34 6.04
CA THR B 293 5.15 -28.85 5.51
C THR B 293 6.26 -27.90 5.98
N ALA B 294 6.48 -27.94 7.30
CA ALA B 294 7.46 -27.13 8.00
C ALA B 294 7.00 -27.08 9.46
#